data_6EMS
#
_entry.id   6EMS
#
_cell.length_a   65.687
_cell.length_b   65.925
_cell.length_c   67.044
_cell.angle_alpha   90.000
_cell.angle_beta   90.000
_cell.angle_gamma   90.000
#
_symmetry.space_group_name_H-M   'P 21 21 21'
#
loop_
_entity.id
_entity.type
_entity.pdbx_description
1 polymer 'tRNA (guanine(9)-/adenine(9)-N1)-methyltransferase'
2 water water
#
_entity_poly.entity_id   1
_entity_poly.type   'polypeptide(L)'
_entity_poly.pdbx_seq_one_letter_code
;MGSSHHHHHHSSGLVPRGSHMKTLADVFREALKEKGISSIGTLSKRFRKSKNKLQDIAIEIVHGKGAVFRVPEKTAVAWD
LNGNRVDGSYYAYAPLAMREKFEPVLTPEELREKLPDWPYFIIDLYHWDKHTQKEKGKIALQVNQSYGLLRDYFTGSELA
VTWANEEFREMFHGPLDRITTYGGPTSEFLKENGINEVVLLDPWAEEVLSEKDFDVKAFIIGGIVDTGGNKKKTTPKIGE
ELESAGIKVRRRKIVLRGDVVGVPDRINRILGIILKMMVEGKSMDEAVYEMQEPLHARWRLRKELPKRATRYMVEGKVYR
VVEKELFDEYSKWLKIRWEDFVKVLRELDLVALERKRIHHLNKI
;
_entity_poly.pdbx_strand_id   A
#
# COMPACT_ATOMS: atom_id res chain seq x y z
N HIS A 20 4.42 14.18 5.61
CA HIS A 20 5.46 13.72 6.52
C HIS A 20 5.78 12.24 6.30
N MET A 21 4.77 11.45 5.93
CA MET A 21 4.96 10.02 5.74
C MET A 21 5.52 9.75 4.34
N LYS A 22 6.54 8.89 4.26
CA LYS A 22 7.18 8.58 2.99
C LYS A 22 6.32 7.65 2.15
N THR A 23 6.45 7.79 0.83
CA THR A 23 5.90 6.80 -0.09
C THR A 23 6.97 5.75 -0.43
N LEU A 24 6.52 4.67 -1.06
CA LEU A 24 7.48 3.69 -1.55
C LEU A 24 8.44 4.33 -2.55
N ALA A 25 7.93 5.20 -3.42
CA ALA A 25 8.79 5.85 -4.40
C ALA A 25 9.83 6.74 -3.73
N ASP A 26 9.47 7.38 -2.61
CA ASP A 26 10.44 8.15 -1.84
C ASP A 26 11.55 7.26 -1.30
N VAL A 27 11.18 6.10 -0.74
CA VAL A 27 12.18 5.16 -0.24
C VAL A 27 13.06 4.66 -1.38
N PHE A 28 12.43 4.37 -2.53
CA PHE A 28 13.17 3.89 -3.70
C PHE A 28 14.12 4.96 -4.23
N ARG A 29 13.62 6.20 -4.32
CA ARG A 29 14.45 7.32 -4.77
C ARG A 29 15.66 7.52 -3.87
N GLU A 30 15.46 7.45 -2.55
CA GLU A 30 16.56 7.67 -1.62
C GLU A 30 17.55 6.52 -1.68
N ALA A 31 17.06 5.30 -1.93
CA ALA A 31 17.96 4.16 -2.10
C ALA A 31 18.81 4.31 -3.36
N LEU A 32 18.20 4.79 -4.45
CA LEU A 32 18.94 5.03 -5.68
C LEU A 32 19.95 6.15 -5.50
N LYS A 33 19.52 7.27 -4.93
CA LYS A 33 20.41 8.40 -4.69
C LYS A 33 21.61 7.98 -3.83
N GLU A 34 21.36 7.17 -2.79
CA GLU A 34 22.42 6.69 -1.92
C GLU A 34 23.45 5.85 -2.68
N LYS A 35 23.04 5.19 -3.76
CA LYS A 35 23.97 4.39 -4.54
C LYS A 35 24.58 5.16 -5.71
N GLY A 36 24.30 6.46 -5.84
CA GLY A 36 24.87 7.26 -6.89
C GLY A 36 24.17 7.18 -8.22
N ILE A 37 22.97 6.61 -8.26
CA ILE A 37 22.22 6.42 -9.50
C ILE A 37 21.27 7.60 -9.68
N SER A 38 21.39 8.29 -10.80
CA SER A 38 20.63 9.50 -11.06
C SER A 38 19.45 9.30 -12.00
N SER A 39 19.41 8.20 -12.76
CA SER A 39 18.28 7.92 -13.63
C SER A 39 18.23 6.42 -13.88
N ILE A 40 17.05 5.95 -14.27
CA ILE A 40 16.83 4.52 -14.46
C ILE A 40 15.88 4.28 -15.63
N GLY A 41 16.22 3.29 -16.45
CA GLY A 41 15.37 2.84 -17.54
C GLY A 41 14.66 1.55 -17.21
N THR A 42 14.07 0.94 -18.24
CA THR A 42 13.34 -0.30 -18.03
C THR A 42 13.52 -1.22 -19.24
N LEU A 43 13.66 -2.52 -18.96
CA LEU A 43 13.79 -3.52 -20.01
C LEU A 43 12.47 -4.22 -20.32
N SER A 44 11.49 -4.15 -19.43
CA SER A 44 10.17 -4.68 -19.67
C SER A 44 9.25 -3.53 -20.06
N LYS A 45 8.56 -3.68 -21.20
CA LYS A 45 7.64 -2.66 -21.69
C LYS A 45 6.32 -2.62 -20.94
N ARG A 46 6.27 -3.16 -19.72
CA ARG A 46 5.02 -3.24 -18.96
C ARG A 46 4.76 -1.99 -18.12
N PHE A 47 5.41 -0.87 -18.43
CA PHE A 47 5.23 0.37 -17.68
C PHE A 47 4.74 1.52 -18.56
N ARG A 48 4.26 1.22 -19.76
CA ARG A 48 3.66 2.25 -20.59
C ARG A 48 2.37 2.76 -19.94
N LYS A 49 2.13 4.06 -20.06
CA LYS A 49 0.97 4.72 -19.45
C LYS A 49 0.99 4.53 -17.93
N SER A 50 1.98 5.17 -17.31
CA SER A 50 2.21 5.07 -15.88
C SER A 50 2.36 6.47 -15.30
N LYS A 51 1.55 6.78 -14.30
CA LYS A 51 1.58 8.12 -13.71
C LYS A 51 2.86 8.33 -12.90
N ASN A 52 3.23 7.36 -12.06
CA ASN A 52 4.43 7.44 -11.23
C ASN A 52 5.33 6.28 -11.61
N LYS A 53 6.32 6.54 -12.48
CA LYS A 53 7.17 5.45 -12.94
C LYS A 53 7.95 4.82 -11.79
N LEU A 54 8.54 5.64 -10.92
CA LEU A 54 9.33 5.12 -9.82
C LEU A 54 8.49 4.30 -8.85
N GLN A 55 7.25 4.74 -8.58
CA GLN A 55 6.35 3.94 -7.75
C GLN A 55 6.07 2.59 -8.40
N ASP A 56 5.78 2.58 -9.70
CA ASP A 56 5.46 1.32 -10.37
C ASP A 56 6.68 0.40 -10.47
N ILE A 57 7.87 0.97 -10.70
CA ILE A 57 9.06 0.13 -10.67
C ILE A 57 9.29 -0.41 -9.26
N ALA A 58 9.18 0.46 -8.25
CA ALA A 58 9.41 0.03 -6.88
C ALA A 58 8.44 -1.07 -6.45
N ILE A 59 7.19 -1.00 -6.92
CA ILE A 59 6.20 -2.03 -6.59
C ILE A 59 6.67 -3.39 -7.10
N GLU A 60 7.11 -3.45 -8.36
CA GLU A 60 7.59 -4.71 -8.92
C GLU A 60 8.76 -5.27 -8.13
N ILE A 61 9.66 -4.39 -7.68
CA ILE A 61 10.84 -4.84 -6.95
C ILE A 61 10.48 -5.33 -5.56
N VAL A 62 9.66 -4.55 -4.84
CA VAL A 62 9.34 -4.91 -3.47
C VAL A 62 8.53 -6.20 -3.39
N HIS A 63 7.88 -6.60 -4.48
CA HIS A 63 7.17 -7.86 -4.54
C HIS A 63 7.98 -8.95 -5.25
N GLY A 64 9.28 -8.73 -5.42
CA GLY A 64 10.17 -9.77 -5.89
C GLY A 64 10.13 -10.08 -7.37
N LYS A 65 9.52 -9.23 -8.18
CA LYS A 65 9.39 -9.55 -9.60
C LYS A 65 10.63 -9.19 -10.40
N GLY A 66 11.45 -8.27 -9.92
CA GLY A 66 12.64 -7.88 -10.65
C GLY A 66 13.56 -7.04 -9.78
N ALA A 67 14.55 -6.43 -10.42
CA ALA A 67 15.49 -5.60 -9.70
C ALA A 67 16.05 -4.55 -10.64
N VAL A 68 16.83 -3.62 -10.08
CA VAL A 68 17.57 -2.65 -10.87
C VAL A 68 18.93 -3.25 -11.20
N PHE A 69 19.34 -3.17 -12.46
CA PHE A 69 20.61 -3.70 -12.92
C PHE A 69 21.40 -2.62 -13.66
N ARG A 70 22.73 -2.77 -13.69
CA ARG A 70 23.53 -2.06 -14.67
C ARG A 70 23.50 -2.84 -15.98
N VAL A 71 23.35 -2.12 -17.08
CA VAL A 71 23.18 -2.76 -18.39
C VAL A 71 24.32 -2.35 -19.30
N PRO A 72 24.74 -3.22 -20.23
CA PRO A 72 25.91 -2.89 -21.07
C PRO A 72 25.65 -1.72 -22.01
N GLU A 73 24.42 -1.51 -22.46
CA GLU A 73 24.12 -0.41 -23.37
C GLU A 73 23.06 0.49 -22.77
N LYS A 74 23.21 1.79 -23.03
CA LYS A 74 22.25 2.76 -22.53
C LYS A 74 20.87 2.46 -23.06
N THR A 75 19.88 2.55 -22.18
CA THR A 75 18.50 2.40 -22.60
C THR A 75 18.14 3.49 -23.59
N ALA A 76 17.06 3.27 -24.34
CA ALA A 76 16.60 4.29 -25.28
C ALA A 76 15.97 5.47 -24.56
N VAL A 77 15.52 5.28 -23.33
CA VAL A 77 14.86 6.32 -22.54
C VAL A 77 15.05 5.98 -21.07
N ALA A 78 14.94 6.99 -20.22
CA ALA A 78 15.08 6.78 -18.78
C ALA A 78 14.31 7.87 -18.05
N TRP A 79 14.22 7.71 -16.74
CA TRP A 79 13.56 8.66 -15.86
C TRP A 79 14.49 8.97 -14.70
N ASP A 80 14.70 10.26 -14.44
CA ASP A 80 15.52 10.67 -13.30
C ASP A 80 14.75 10.44 -12.00
N LEU A 81 15.37 10.83 -10.89
CA LEU A 81 14.80 10.56 -9.57
C LEU A 81 13.54 11.38 -9.29
N ASN A 82 13.26 12.40 -10.09
CA ASN A 82 12.02 13.15 -9.99
C ASN A 82 10.93 12.60 -10.87
N GLY A 83 11.18 11.49 -11.57
CA GLY A 83 10.21 10.91 -12.47
C GLY A 83 10.17 11.50 -13.86
N ASN A 84 10.99 12.52 -14.13
CA ASN A 84 10.97 13.17 -15.44
C ASN A 84 11.73 12.36 -16.47
N ARG A 85 11.19 12.31 -17.68
CA ARG A 85 11.83 11.57 -18.76
C ARG A 85 13.13 12.25 -19.17
N VAL A 86 14.23 11.49 -19.16
CA VAL A 86 15.54 11.97 -19.56
C VAL A 86 16.09 11.03 -20.61
N ASP A 87 17.30 11.32 -21.06
CA ASP A 87 17.99 10.43 -21.99
C ASP A 87 18.26 9.09 -21.31
N GLY A 88 18.64 8.10 -22.12
CA GLY A 88 18.78 6.75 -21.62
C GLY A 88 19.81 6.64 -20.51
N SER A 89 19.71 5.54 -19.77
CA SER A 89 20.54 5.28 -18.61
C SER A 89 21.25 3.94 -18.75
N TYR A 90 22.38 3.82 -18.06
CA TYR A 90 23.09 2.55 -17.93
C TYR A 90 22.52 1.68 -16.81
N TYR A 91 21.48 2.14 -16.13
CA TYR A 91 20.78 1.36 -15.10
C TYR A 91 19.32 1.23 -15.48
N ALA A 92 18.77 0.04 -15.28
CA ALA A 92 17.40 -0.23 -15.72
C ALA A 92 16.78 -1.35 -14.89
N TYR A 93 15.47 -1.23 -14.69
CA TYR A 93 14.69 -2.33 -14.14
C TYR A 93 14.56 -3.46 -15.15
N ALA A 94 14.63 -4.69 -14.65
CA ALA A 94 14.38 -5.88 -15.45
C ALA A 94 13.79 -6.96 -14.54
N PRO A 95 12.99 -7.86 -15.08
CA PRO A 95 12.51 -9.00 -14.28
C PRO A 95 13.66 -9.90 -13.86
N LEU A 96 13.41 -10.69 -12.81
CA LEU A 96 14.41 -11.66 -12.36
C LEU A 96 14.64 -12.76 -13.39
N ALA A 97 13.77 -12.88 -14.40
CA ALA A 97 14.00 -13.78 -15.52
C ALA A 97 15.11 -13.30 -16.45
N MET A 98 15.69 -12.12 -16.20
CA MET A 98 16.82 -11.59 -16.95
C MET A 98 17.95 -11.22 -16.00
N ARG A 99 18.14 -12.02 -14.94
CA ARG A 99 19.06 -11.73 -13.86
C ARG A 99 20.48 -12.20 -14.15
N GLU A 100 20.64 -13.42 -14.68
CA GLU A 100 21.96 -14.03 -14.83
C GLU A 100 22.87 -13.26 -15.78
N LYS A 101 22.33 -12.28 -16.52
CA LYS A 101 23.14 -11.56 -17.49
C LYS A 101 23.84 -10.33 -16.89
N PHE A 102 23.11 -9.49 -16.16
CA PHE A 102 23.60 -8.17 -15.80
C PHE A 102 23.91 -8.07 -14.30
N GLU A 103 24.67 -7.03 -13.98
CA GLU A 103 25.05 -6.74 -12.59
C GLU A 103 23.83 -6.24 -11.80
N PRO A 104 23.38 -6.95 -10.77
CA PRO A 104 22.34 -6.40 -9.90
C PRO A 104 22.87 -5.21 -9.11
N VAL A 105 21.99 -4.23 -8.90
CA VAL A 105 22.39 -3.00 -8.22
C VAL A 105 21.42 -2.69 -7.08
N LEU A 106 20.13 -2.94 -7.29
CA LEU A 106 19.12 -2.71 -6.27
C LEU A 106 18.11 -3.85 -6.33
N THR A 107 18.19 -4.74 -5.36
CA THR A 107 17.49 -6.00 -5.33
C THR A 107 16.21 -5.89 -4.51
N PRO A 108 15.28 -6.84 -4.67
CA PRO A 108 14.10 -6.86 -3.79
C PRO A 108 14.44 -6.92 -2.32
N GLU A 109 15.55 -7.58 -1.98
CA GLU A 109 15.94 -7.67 -0.57
C GLU A 109 16.44 -6.33 -0.05
N GLU A 110 17.26 -5.63 -0.84
CA GLU A 110 17.77 -4.33 -0.42
C GLU A 110 16.63 -3.35 -0.18
N LEU A 111 15.63 -3.33 -1.07
CA LEU A 111 14.55 -2.35 -0.95
C LEU A 111 13.63 -2.67 0.23
N ARG A 112 13.37 -3.95 0.47
CA ARG A 112 12.49 -4.33 1.58
C ARG A 112 13.03 -3.85 2.92
N GLU A 113 14.35 -3.91 3.11
CA GLU A 113 14.95 -3.56 4.39
C GLU A 113 14.86 -2.07 4.69
N LYS A 114 14.57 -1.23 3.70
CA LYS A 114 14.48 0.20 3.89
C LYS A 114 13.05 0.68 4.10
N LEU A 115 12.06 -0.22 4.07
CA LEU A 115 10.68 0.22 4.19
C LEU A 115 10.42 0.74 5.61
N PRO A 116 9.70 1.85 5.75
CA PRO A 116 9.27 2.27 7.08
C PRO A 116 8.05 1.48 7.52
N ASP A 117 7.78 1.55 8.82
CA ASP A 117 6.65 0.81 9.40
C ASP A 117 5.36 1.57 9.08
N TRP A 118 4.84 1.32 7.88
CA TRP A 118 3.58 1.94 7.50
C TRP A 118 2.42 1.28 8.26
N PRO A 119 1.37 2.03 8.55
CA PRO A 119 0.23 1.45 9.26
C PRO A 119 -0.58 0.50 8.40
N TYR A 120 -1.28 -0.41 9.08
CA TYR A 120 -2.28 -1.23 8.43
C TYR A 120 -3.56 -0.46 8.21
N PHE A 121 -4.28 -0.80 7.13
CA PHE A 121 -5.62 -0.30 6.88
C PHE A 121 -6.52 -1.52 6.82
N ILE A 122 -7.45 -1.63 7.76
CA ILE A 122 -8.18 -2.87 8.01
C ILE A 122 -9.61 -2.72 7.51
N ILE A 123 -10.05 -3.69 6.70
CA ILE A 123 -11.45 -3.86 6.35
C ILE A 123 -11.92 -5.12 7.04
N ASP A 124 -12.87 -4.96 7.97
CA ASP A 124 -13.35 -6.06 8.81
C ASP A 124 -14.59 -6.68 8.17
N LEU A 125 -14.53 -7.98 7.87
CA LEU A 125 -15.60 -8.65 7.15
C LEU A 125 -16.50 -9.50 8.04
N TYR A 126 -16.56 -9.22 9.33
CA TYR A 126 -17.71 -9.63 10.12
C TYR A 126 -18.83 -8.66 9.78
N HIS A 127 -20.03 -9.21 9.52
CA HIS A 127 -21.20 -8.57 8.92
C HIS A 127 -21.28 -8.88 7.44
N TRP A 128 -20.28 -9.59 6.90
CA TRP A 128 -20.30 -9.92 5.48
C TRP A 128 -21.57 -10.67 5.10
N ASP A 129 -21.85 -11.77 5.79
CA ASP A 129 -22.99 -12.62 5.46
C ASP A 129 -24.34 -11.94 5.73
N LYS A 130 -24.31 -10.71 6.26
CA LYS A 130 -25.51 -9.94 6.51
C LYS A 130 -25.88 -8.99 5.36
N HIS A 131 -25.02 -8.84 4.36
CA HIS A 131 -25.31 -8.00 3.21
C HIS A 131 -25.98 -8.81 2.11
N THR A 132 -26.74 -8.10 1.26
CA THR A 132 -27.24 -8.71 0.05
C THR A 132 -26.09 -9.01 -0.91
N GLN A 133 -26.43 -9.77 -1.96
CA GLN A 133 -25.39 -10.13 -2.93
C GLN A 133 -24.91 -8.90 -3.69
N LYS A 134 -25.81 -7.96 -3.98
CA LYS A 134 -25.38 -6.73 -4.66
C LYS A 134 -24.43 -5.93 -3.78
N GLU A 135 -24.73 -5.83 -2.49
CA GLU A 135 -23.87 -5.07 -1.59
C GLU A 135 -22.53 -5.76 -1.41
N LYS A 136 -22.52 -7.10 -1.36
CA LYS A 136 -21.27 -7.85 -1.32
C LYS A 136 -20.39 -7.48 -2.51
N GLY A 137 -20.97 -7.41 -3.70
CA GLY A 137 -20.22 -7.01 -4.88
C GLY A 137 -19.66 -5.60 -4.75
N LYS A 138 -20.45 -4.69 -4.19
CA LYS A 138 -19.96 -3.32 -4.00
C LYS A 138 -18.79 -3.28 -3.05
N ILE A 139 -18.87 -4.05 -1.96
CA ILE A 139 -17.79 -4.14 -1.00
C ILE A 139 -16.53 -4.71 -1.65
N ALA A 140 -16.67 -5.83 -2.36
CA ALA A 140 -15.51 -6.43 -3.01
C ALA A 140 -14.84 -5.45 -3.97
N LEU A 141 -15.64 -4.69 -4.73
CA LEU A 141 -15.08 -3.68 -5.62
C LEU A 141 -14.34 -2.59 -4.84
N GLN A 142 -14.94 -2.11 -3.75
CA GLN A 142 -14.28 -1.09 -2.95
C GLN A 142 -12.98 -1.58 -2.34
N VAL A 143 -12.91 -2.85 -1.94
CA VAL A 143 -11.66 -3.36 -1.39
C VAL A 143 -10.60 -3.43 -2.49
N ASN A 144 -10.99 -3.80 -3.71
CA ASN A 144 -10.05 -3.78 -4.82
C ASN A 144 -9.56 -2.36 -5.10
N GLN A 145 -10.48 -1.38 -5.07
CA GLN A 145 -10.08 0.01 -5.27
C GLN A 145 -9.21 0.51 -4.13
N SER A 146 -9.43 0.03 -2.92
CA SER A 146 -8.57 0.43 -1.81
C SER A 146 -7.15 -0.12 -1.97
N TYR A 147 -7.04 -1.37 -2.43
CA TYR A 147 -5.71 -1.89 -2.75
C TYR A 147 -5.03 -1.04 -3.83
N GLY A 148 -5.79 -0.66 -4.86
CA GLY A 148 -5.21 0.17 -5.91
C GLY A 148 -4.64 1.47 -5.37
N LEU A 149 -5.35 2.10 -4.43
CA LEU A 149 -4.84 3.32 -3.81
C LEU A 149 -3.55 3.05 -3.04
N LEU A 150 -3.54 2.01 -2.22
CA LEU A 150 -2.40 1.77 -1.34
C LEU A 150 -1.17 1.34 -2.13
N ARG A 151 -1.35 0.68 -3.28
CA ARG A 151 -0.20 0.38 -4.11
C ARG A 151 0.31 1.59 -4.87
N ASP A 152 -0.44 2.71 -4.85
CA ASP A 152 0.04 3.97 -5.41
C ASP A 152 0.83 4.80 -4.40
N TYR A 153 0.73 4.48 -3.11
CA TYR A 153 1.43 5.21 -2.06
C TYR A 153 2.48 4.33 -1.37
N PHE A 154 2.06 3.16 -0.90
CA PHE A 154 2.93 2.25 -0.16
C PHE A 154 3.15 1.00 -1.01
N THR A 155 3.09 -0.20 -0.44
CA THR A 155 3.28 -1.42 -1.21
C THR A 155 1.97 -2.08 -1.61
N GLY A 156 0.85 -1.71 -0.98
CA GLY A 156 -0.38 -2.44 -1.13
C GLY A 156 -0.62 -3.52 -0.10
N SER A 157 0.44 -4.03 0.53
CA SER A 157 0.32 -5.04 1.59
C SER A 157 -0.23 -4.48 2.88
N GLU A 158 -0.34 -3.16 3.01
CA GLU A 158 -0.89 -2.54 4.21
C GLU A 158 -2.40 -2.74 4.30
N LEU A 159 -3.05 -3.07 3.18
CA LEU A 159 -4.47 -3.41 3.21
C LEU A 159 -4.63 -4.77 3.86
N ALA A 160 -5.42 -4.83 4.92
CA ALA A 160 -5.67 -6.08 5.64
C ALA A 160 -7.16 -6.31 5.68
N VAL A 161 -7.58 -7.50 5.29
CA VAL A 161 -8.98 -7.90 5.31
C VAL A 161 -9.11 -8.99 6.36
N THR A 162 -9.81 -8.69 7.44
CA THR A 162 -10.02 -9.66 8.50
C THR A 162 -11.36 -10.35 8.30
N TRP A 163 -11.51 -11.54 8.91
CA TRP A 163 -12.69 -12.37 8.71
C TRP A 163 -12.84 -12.76 7.23
N ALA A 164 -11.71 -12.99 6.58
CA ALA A 164 -11.74 -13.31 5.15
C ALA A 164 -12.37 -14.68 4.94
N ASN A 165 -13.41 -14.73 4.11
CA ASN A 165 -14.10 -15.96 3.76
C ASN A 165 -13.85 -16.28 2.29
N GLU A 166 -14.31 -17.46 1.88
CA GLU A 166 -14.10 -17.85 0.49
C GLU A 166 -15.03 -17.09 -0.46
N GLU A 167 -16.22 -16.74 0.00
CA GLU A 167 -17.14 -15.98 -0.87
C GLU A 167 -16.55 -14.62 -1.21
N PHE A 168 -15.96 -13.94 -0.22
CA PHE A 168 -15.25 -12.70 -0.52
C PHE A 168 -14.09 -12.96 -1.48
N ARG A 169 -13.35 -14.05 -1.30
CA ARG A 169 -12.24 -14.34 -2.17
C ARG A 169 -12.71 -14.60 -3.60
N GLU A 170 -13.85 -15.28 -3.75
CA GLU A 170 -14.39 -15.49 -5.09
C GLU A 170 -14.84 -14.17 -5.72
N MET A 171 -15.45 -13.29 -4.92
CA MET A 171 -15.94 -12.02 -5.46
C MET A 171 -14.84 -11.00 -5.64
N PHE A 172 -13.76 -11.12 -4.87
CA PHE A 172 -12.66 -10.16 -4.96
C PHE A 172 -11.84 -10.46 -6.20
N HIS A 173 -11.55 -9.41 -6.97
CA HIS A 173 -10.84 -9.57 -8.24
C HIS A 173 -9.47 -8.90 -8.22
N GLY A 174 -8.90 -8.71 -7.03
CA GLY A 174 -7.54 -8.22 -6.91
C GLY A 174 -6.58 -9.33 -6.52
N PRO A 175 -5.31 -8.97 -6.30
CA PRO A 175 -4.28 -9.96 -5.97
C PRO A 175 -4.29 -10.32 -4.50
N LEU A 176 -4.78 -11.53 -4.19
CA LEU A 176 -4.77 -12.00 -2.81
C LEU A 176 -3.37 -12.20 -2.27
N ASP A 177 -2.38 -12.42 -3.16
CA ASP A 177 -1.00 -12.59 -2.75
C ASP A 177 -0.32 -11.28 -2.36
N ARG A 178 -0.96 -10.14 -2.59
CA ARG A 178 -0.35 -8.87 -2.25
C ARG A 178 -1.05 -8.14 -1.11
N ILE A 179 -2.34 -8.33 -0.93
CA ILE A 179 -3.01 -7.78 0.24
C ILE A 179 -2.87 -8.78 1.39
N THR A 180 -2.93 -8.25 2.60
CA THR A 180 -2.93 -9.11 3.78
C THR A 180 -4.35 -9.58 4.02
N THR A 181 -4.53 -10.89 4.07
CA THR A 181 -5.83 -11.46 4.36
C THR A 181 -5.71 -12.32 5.62
N TYR A 182 -6.75 -12.30 6.44
CA TYR A 182 -6.71 -12.95 7.75
C TYR A 182 -8.02 -13.66 7.98
N GLY A 183 -7.94 -14.96 8.26
CA GLY A 183 -9.14 -15.75 8.44
C GLY A 183 -9.88 -15.49 9.73
N GLY A 184 -9.22 -14.91 10.73
CA GLY A 184 -9.81 -14.74 12.03
C GLY A 184 -10.23 -13.31 12.35
N PRO A 185 -10.56 -13.07 13.61
CA PRO A 185 -11.07 -11.75 14.00
C PRO A 185 -10.00 -10.67 13.98
N THR A 186 -10.48 -9.43 13.90
CA THR A 186 -9.59 -8.27 13.87
C THR A 186 -8.72 -8.21 15.12
N SER A 187 -9.26 -8.56 16.28
CA SER A 187 -8.50 -8.45 17.51
C SER A 187 -7.30 -9.39 17.51
N GLU A 188 -7.48 -10.62 17.00
CA GLU A 188 -6.38 -11.56 16.94
C GLU A 188 -5.36 -11.15 15.87
N PHE A 189 -5.83 -10.60 14.75
CA PHE A 189 -4.90 -10.06 13.76
C PHE A 189 -4.03 -8.96 14.38
N LEU A 190 -4.64 -8.10 15.20
CA LEU A 190 -3.88 -7.01 15.81
C LEU A 190 -2.90 -7.56 16.83
N LYS A 191 -3.33 -8.52 17.64
CA LYS A 191 -2.45 -9.07 18.66
C LYS A 191 -1.31 -9.87 18.04
N GLU A 192 -1.56 -10.57 16.94
CA GLU A 192 -0.48 -11.26 16.25
C GLU A 192 0.59 -10.29 15.78
N ASN A 193 0.20 -9.05 15.50
CA ASN A 193 1.10 -8.05 14.95
C ASN A 193 1.55 -7.02 15.98
N GLY A 194 1.32 -7.28 17.26
CA GLY A 194 1.80 -6.39 18.30
C GLY A 194 1.21 -4.99 18.26
N ILE A 195 -0.07 -4.88 17.93
CA ILE A 195 -0.75 -3.60 17.84
C ILE A 195 -1.81 -3.56 18.93
N ASN A 196 -1.65 -2.65 19.90
CA ASN A 196 -2.57 -2.55 21.03
C ASN A 196 -3.47 -1.32 20.95
N GLU A 197 -3.41 -0.56 19.86
CA GLU A 197 -4.18 0.67 19.74
C GLU A 197 -4.49 0.93 18.28
N VAL A 198 -5.75 1.24 17.99
CA VAL A 198 -6.20 1.45 16.62
C VAL A 198 -7.05 2.70 16.54
N VAL A 199 -7.14 3.25 15.33
CA VAL A 199 -8.13 4.26 15.00
C VAL A 199 -9.27 3.57 14.28
N LEU A 200 -10.49 3.81 14.75
CA LEU A 200 -11.70 3.27 14.15
C LEU A 200 -12.45 4.40 13.49
N LEU A 201 -12.56 4.35 12.16
CA LEU A 201 -13.27 5.40 11.44
C LEU A 201 -14.77 5.24 11.68
N ASP A 202 -15.36 6.20 12.39
CA ASP A 202 -16.74 6.12 12.85
C ASP A 202 -17.43 7.44 12.50
N PRO A 203 -18.49 7.43 11.69
CA PRO A 203 -19.13 8.70 11.30
C PRO A 203 -19.83 9.40 12.46
N TRP A 204 -20.12 8.72 13.56
CA TRP A 204 -20.75 9.32 14.72
C TRP A 204 -19.76 9.63 15.83
N ALA A 205 -18.46 9.56 15.56
CA ALA A 205 -17.48 9.90 16.57
C ALA A 205 -17.50 11.40 16.86
N GLU A 206 -17.16 11.75 18.10
CA GLU A 206 -17.12 13.16 18.47
C GLU A 206 -15.84 13.85 17.99
N GLU A 207 -14.72 13.13 17.94
CA GLU A 207 -13.45 13.70 17.52
C GLU A 207 -13.19 13.45 16.04
N VAL A 208 -12.84 14.50 15.33
CA VAL A 208 -12.45 14.38 13.93
C VAL A 208 -11.05 13.81 13.83
N LEU A 209 -10.80 12.99 12.81
CA LEU A 209 -9.46 12.52 12.55
C LEU A 209 -8.54 13.72 12.32
N SER A 210 -7.35 13.67 12.91
CA SER A 210 -6.39 14.76 12.78
C SER A 210 -4.99 14.18 12.71
N GLU A 211 -4.02 15.08 12.48
CA GLU A 211 -2.61 14.72 12.43
C GLU A 211 -2.16 14.02 13.70
N LYS A 212 -2.81 14.30 14.83
CA LYS A 212 -2.46 13.69 16.10
C LYS A 212 -2.73 12.19 16.13
N ASP A 213 -3.48 11.68 15.16
CA ASP A 213 -3.82 10.27 15.09
C ASP A 213 -2.93 9.49 14.14
N PHE A 214 -1.90 10.11 13.57
CA PHE A 214 -1.17 9.46 12.48
C PHE A 214 0.03 8.65 12.96
N ASP A 215 0.27 8.56 14.26
CA ASP A 215 1.26 7.64 14.80
C ASP A 215 0.70 6.25 15.08
N VAL A 216 -0.63 6.09 15.04
CA VAL A 216 -1.24 4.79 15.30
C VAL A 216 -0.88 3.82 14.18
N LYS A 217 -0.77 2.53 14.52
CA LYS A 217 -0.26 1.52 13.61
C LYS A 217 -1.33 0.80 12.81
N ALA A 218 -2.61 1.04 13.08
CA ALA A 218 -3.67 0.48 12.25
C ALA A 218 -4.87 1.43 12.26
N PHE A 219 -5.55 1.47 11.13
CA PHE A 219 -6.79 2.21 10.93
C PHE A 219 -7.84 1.22 10.46
N ILE A 220 -8.98 1.18 11.13
CA ILE A 220 -10.08 0.32 10.70
C ILE A 220 -11.01 1.17 9.85
N ILE A 221 -11.07 0.87 8.55
CA ILE A 221 -11.72 1.75 7.58
C ILE A 221 -12.97 1.13 6.97
N GLY A 222 -13.29 -0.11 7.30
CA GLY A 222 -14.42 -0.77 6.68
C GLY A 222 -14.95 -1.85 7.60
N GLY A 223 -16.26 -2.09 7.51
CA GLY A 223 -16.89 -3.10 8.34
C GLY A 223 -18.06 -2.57 9.15
N ILE A 238 -18.31 -3.83 17.66
CA ILE A 238 -17.11 -3.89 16.84
C ILE A 238 -15.99 -3.09 17.50
N GLY A 239 -16.24 -1.82 17.79
CA GLY A 239 -15.36 -1.08 18.68
C GLY A 239 -15.40 -1.63 20.09
N GLU A 240 -16.60 -1.94 20.58
CA GLU A 240 -16.73 -2.56 21.89
C GLU A 240 -16.06 -3.93 21.92
N GLU A 241 -16.20 -4.69 20.83
CA GLU A 241 -15.51 -5.98 20.71
C GLU A 241 -14.01 -5.81 20.88
N LEU A 242 -13.42 -4.82 20.20
CA LEU A 242 -11.98 -4.60 20.33
C LEU A 242 -11.60 -4.18 21.74
N GLU A 243 -12.38 -3.27 22.35
CA GLU A 243 -11.99 -2.73 23.65
C GLU A 243 -12.11 -3.77 24.75
N SER A 244 -13.09 -4.68 24.65
CA SER A 244 -13.16 -5.79 25.60
C SER A 244 -12.05 -6.79 25.40
N ALA A 245 -11.34 -6.73 24.27
CA ALA A 245 -10.19 -7.58 24.01
C ALA A 245 -8.86 -6.91 24.34
N GLY A 246 -8.89 -5.74 24.96
CA GLY A 246 -7.68 -5.07 25.37
C GLY A 246 -7.10 -4.08 24.39
N ILE A 247 -7.80 -3.79 23.30
CA ILE A 247 -7.33 -2.84 22.30
C ILE A 247 -7.83 -1.44 22.68
N LYS A 248 -6.92 -0.47 22.71
CA LYS A 248 -7.31 0.91 22.82
C LYS A 248 -7.86 1.39 21.47
N VAL A 249 -9.08 1.93 21.48
CA VAL A 249 -9.76 2.33 20.26
C VAL A 249 -9.92 3.84 20.25
N ARG A 250 -9.40 4.49 19.22
CA ARG A 250 -9.63 5.92 18.99
C ARG A 250 -10.73 6.07 17.95
N ARG A 251 -11.93 6.45 18.39
CA ARG A 251 -13.02 6.73 17.47
C ARG A 251 -12.80 8.09 16.82
N ARG A 252 -12.72 8.11 15.49
CA ARG A 252 -12.43 9.31 14.73
C ARG A 252 -13.35 9.36 13.52
N LYS A 253 -13.82 10.55 13.17
CA LYS A 253 -14.70 10.71 12.02
C LYS A 253 -13.99 11.50 10.92
N ILE A 254 -14.47 11.30 9.70
CA ILE A 254 -14.07 12.08 8.53
C ILE A 254 -15.28 12.86 8.06
N VAL A 255 -15.04 14.11 7.66
CA VAL A 255 -16.13 14.97 7.21
C VAL A 255 -15.99 15.28 5.72
N ASP A 265 -19.90 6.14 3.73
CA ASP A 265 -19.40 6.41 2.39
C ASP A 265 -18.56 5.23 1.87
N ARG A 266 -18.03 5.37 0.67
CA ARG A 266 -17.26 4.30 0.04
C ARG A 266 -15.93 4.08 0.77
N ILE A 267 -15.57 2.81 0.96
CA ILE A 267 -14.34 2.49 1.67
C ILE A 267 -13.14 3.15 1.00
N ASN A 268 -13.09 3.10 -0.33
CA ASN A 268 -11.92 3.61 -1.03
C ASN A 268 -11.87 5.14 -0.97
N ARG A 269 -13.02 5.81 -0.92
CA ARG A 269 -13.01 7.26 -0.75
C ARG A 269 -12.43 7.63 0.61
N ILE A 270 -12.88 6.94 1.66
CA ILE A 270 -12.36 7.17 3.02
C ILE A 270 -10.84 7.01 3.04
N LEU A 271 -10.35 5.90 2.50
CA LEU A 271 -8.92 5.63 2.48
C LEU A 271 -8.16 6.71 1.73
N GLY A 272 -8.65 7.10 0.54
CA GLY A 272 -7.96 8.11 -0.23
C GLY A 272 -7.82 9.42 0.51
N ILE A 273 -8.84 9.79 1.30
CA ILE A 273 -8.76 11.00 2.10
C ILE A 273 -7.68 10.85 3.17
N ILE A 274 -7.63 9.71 3.85
CA ILE A 274 -6.64 9.47 4.90
C ILE A 274 -5.23 9.55 4.31
N LEU A 275 -5.03 8.91 3.16
CA LEU A 275 -3.69 8.87 2.58
C LEU A 275 -3.23 10.26 2.13
N LYS A 276 -4.15 11.07 1.60
CA LYS A 276 -3.79 12.45 1.26
C LYS A 276 -3.43 13.25 2.50
N MET A 277 -4.10 12.98 3.64
CA MET A 277 -3.75 13.67 4.87
C MET A 277 -2.38 13.23 5.39
N MET A 278 -2.11 11.91 5.37
CA MET A 278 -0.91 11.38 5.99
C MET A 278 0.33 11.65 5.16
N VAL A 279 0.23 11.49 3.84
CA VAL A 279 1.38 11.51 2.95
C VAL A 279 1.60 12.94 2.43
N GLU A 280 0.58 13.51 1.81
CA GLU A 280 0.71 14.83 1.21
C GLU A 280 0.50 15.96 2.21
N GLY A 281 0.32 15.62 3.48
CA GLY A 281 0.15 16.62 4.53
C GLY A 281 -1.07 17.50 4.34
N LYS A 282 -1.99 17.09 3.47
CA LYS A 282 -3.12 17.94 3.13
C LYS A 282 -4.14 17.95 4.27
N SER A 283 -4.79 19.09 4.45
CA SER A 283 -5.88 19.16 5.41
C SER A 283 -7.06 18.33 4.90
N MET A 284 -8.00 18.07 5.80
CA MET A 284 -9.16 17.26 5.43
C MET A 284 -9.99 17.90 4.33
N ASP A 285 -9.88 19.22 4.15
CA ASP A 285 -10.57 19.91 3.07
C ASP A 285 -10.22 19.36 1.69
N GLU A 286 -9.07 18.69 1.56
CA GLU A 286 -8.69 18.05 0.31
C GLU A 286 -9.31 16.65 0.20
#